data_8CV3
#
_entry.id   8CV3
#
loop_
_entity.id
_entity.type
_entity.pdbx_description
1 polymer 'Excitatory amino acid transporter 3'
2 non-polymer 'SODIUM ION'
#
_entity_poly.entity_id   1
_entity_poly.type   'polypeptide(L)'
_entity_poly.pdbx_seq_one_letter_code
;GPMGKPARKGAEWKRFLKNNWVLLSTVAAVVLGITTGVLVREHSNLSTLEKFYFAFPGEILMRMLKLIILPLIISSMITG
VAALDSNVSGKIGLRAVVYYFATTLIAVILGIVLVVSIKPGVTQKVGEIARTGSTPEVSTVDAMLDLIRNMFPENLVQAA
FQQYKTKREEVKPPSDPEMTMTEESFTAVMTTAISKTKTKEYKIVGMYSDGINVLGLIVFALVFGLVIGKMGEKGQILVD
FFNALSDATMKIVQIIMWYMPLGILFLIAGCIIEVEDWEIFRKLGLYMATVLTGLAIHSIVILPLIYFIVVRKNPFRFAM
GMAQALLTALMISSSSATLPVTFRCAEENNQVDKRITRFVLPVGATINMDGTALYEAVAAVFIAQLNDLDLGIGQIITIS
ITATSASIGAAGVPQAGLVTMVIVLSAVGLPAEDVTLIIAVDCLLDRFRTMVNVLGDAFGTGIVEKLSKKELEQMDVSSE
VNIVNPFALESTILDNEDSDTKKSYVNGGFAVDKSDTISFTQTSQF
;
_entity_poly.pdbx_strand_id   A
#
loop_
_chem_comp.id
_chem_comp.type
_chem_comp.name
_chem_comp.formula
NA non-polymer 'SODIUM ION' 'Na 1'
#
# COMPACT_ATOMS: atom_id res chain seq x y z
N PHE A 16 -7.64 -26.06 18.77
CA PHE A 16 -7.44 -25.41 17.47
C PHE A 16 -7.67 -23.91 17.57
N LEU A 17 -8.58 -23.50 18.46
CA LEU A 17 -8.90 -22.09 18.60
C LEU A 17 -7.73 -21.33 19.20
N LYS A 18 -6.95 -21.97 20.08
CA LYS A 18 -5.82 -21.29 20.73
C LYS A 18 -4.78 -20.86 19.71
N ASN A 19 -4.49 -21.72 18.72
CA ASN A 19 -3.46 -21.41 17.74
C ASN A 19 -3.82 -20.19 16.91
N ASN A 20 -5.09 -20.09 16.50
CA ASN A 20 -5.59 -18.97 15.71
C ASN A 20 -6.41 -18.00 16.56
N TRP A 21 -5.99 -17.76 17.79
CA TRP A 21 -6.78 -16.94 18.71
C TRP A 21 -6.78 -15.47 18.31
N VAL A 22 -5.75 -15.00 17.59
CA VAL A 22 -5.69 -13.59 17.24
C VAL A 22 -6.72 -13.26 16.16
N LEU A 23 -6.97 -14.19 15.23
CA LEU A 23 -7.87 -13.90 14.12
C LEU A 23 -9.33 -13.81 14.57
N LEU A 24 -9.78 -14.79 15.37
CA LEU A 24 -11.14 -14.76 15.88
C LEU A 24 -11.35 -13.58 16.83
N SER A 25 -10.34 -13.24 17.63
CA SER A 25 -10.45 -12.07 18.51
C SER A 25 -10.62 -10.78 17.70
N THR A 26 -9.90 -10.65 16.58
CA THR A 26 -10.01 -9.45 15.77
C THR A 26 -11.36 -9.38 15.08
N VAL A 27 -11.90 -10.52 14.65
CA VAL A 27 -13.24 -10.54 14.06
C VAL A 27 -14.28 -10.11 15.09
N ALA A 28 -14.18 -10.62 16.32
CA ALA A 28 -15.09 -10.21 17.38
C ALA A 28 -14.93 -8.73 17.68
N ALA A 29 -13.70 -8.21 17.61
CA ALA A 29 -13.47 -6.78 17.81
C ALA A 29 -14.18 -5.96 16.74
N VAL A 30 -14.16 -6.42 15.49
CA VAL A 30 -14.84 -5.71 14.42
C VAL A 30 -16.35 -5.67 14.69
N VAL A 31 -16.92 -6.81 15.09
CA VAL A 31 -18.35 -6.87 15.35
C VAL A 31 -18.72 -5.93 16.49
N LEU A 32 -17.94 -5.97 17.58
CA LEU A 32 -18.22 -5.12 18.73
C LEU A 32 -17.98 -3.65 18.40
N GLY A 33 -17.04 -3.35 17.52
CA GLY A 33 -16.83 -1.97 17.11
C GLY A 33 -18.01 -1.39 16.35
N ILE A 34 -18.57 -2.15 15.41
CA ILE A 34 -19.75 -1.69 14.68
C ILE A 34 -20.90 -1.46 15.65
N THR A 35 -21.14 -2.43 16.54
CA THR A 35 -22.25 -2.32 17.49
C THR A 35 -22.08 -1.11 18.40
N THR A 36 -20.89 -0.96 19.00
CA THR A 36 -20.65 0.15 19.92
C THR A 36 -20.76 1.50 19.22
N GLY A 37 -20.19 1.61 18.02
CA GLY A 37 -20.28 2.86 17.28
C GLY A 37 -21.70 3.25 16.96
N VAL A 38 -22.50 2.30 16.47
CA VAL A 38 -23.89 2.60 16.11
C VAL A 38 -24.68 3.00 17.36
N LEU A 39 -24.51 2.23 18.45
CA LEU A 39 -25.27 2.50 19.67
C LEU A 39 -24.91 3.85 20.26
N VAL A 40 -23.62 4.20 20.27
CA VAL A 40 -23.20 5.47 20.85
C VAL A 40 -23.64 6.63 19.98
N ARG A 41 -23.55 6.48 18.66
CA ARG A 41 -23.97 7.55 17.76
C ARG A 41 -25.47 7.82 17.88
N GLU A 42 -26.28 6.77 17.95
CA GLU A 42 -27.72 6.94 17.95
C GLU A 42 -28.23 7.46 19.29
N HIS A 43 -27.71 6.95 20.40
CA HIS A 43 -28.29 7.17 21.71
C HIS A 43 -27.46 8.09 22.60
N SER A 44 -26.41 8.71 22.08
CA SER A 44 -25.56 9.56 22.90
C SER A 44 -25.13 10.80 22.11
N ASN A 45 -24.86 11.87 22.84
CA ASN A 45 -24.39 13.13 22.26
C ASN A 45 -22.98 13.41 22.77
N LEU A 46 -22.06 13.66 21.84
CA LEU A 46 -20.66 13.89 22.18
C LEU A 46 -20.16 15.13 21.46
N SER A 47 -19.29 15.88 22.14
CA SER A 47 -18.66 17.05 21.54
C SER A 47 -17.45 16.62 20.70
N THR A 48 -16.77 17.60 20.12
CA THR A 48 -15.59 17.30 19.31
C THR A 48 -14.46 16.74 20.16
N LEU A 49 -14.22 17.33 21.34
CA LEU A 49 -13.14 16.85 22.20
C LEU A 49 -13.43 15.45 22.71
N GLU A 50 -14.69 15.17 23.08
CA GLU A 50 -15.04 13.84 23.55
C GLU A 50 -14.88 12.79 22.45
N LYS A 51 -15.27 13.15 21.22
CA LYS A 51 -15.07 12.23 20.09
C LYS A 51 -13.59 11.97 19.85
N PHE A 52 -12.77 12.99 19.98
CA PHE A 52 -11.33 12.81 19.82
C PHE A 52 -10.77 11.91 20.92
N TYR A 53 -11.21 12.11 22.16
CA TYR A 53 -10.74 11.27 23.26
C TYR A 53 -11.27 9.85 23.19
N PHE A 54 -12.35 9.62 22.43
CA PHE A 54 -12.90 8.27 22.33
C PHE A 54 -11.97 7.34 21.56
N ALA A 55 -11.27 7.85 20.55
CA ALA A 55 -10.44 7.05 19.67
C ALA A 55 -8.98 7.04 20.08
N PHE A 56 -8.71 7.18 21.38
CA PHE A 56 -7.32 7.21 21.85
C PHE A 56 -6.59 5.89 21.62
N PRO A 57 -7.15 4.72 21.97
CA PRO A 57 -6.41 3.48 21.73
C PRO A 57 -6.08 3.24 20.27
N GLY A 58 -6.95 3.63 19.35
CA GLY A 58 -6.64 3.53 17.93
C GLY A 58 -5.45 4.40 17.55
N GLU A 59 -5.36 5.60 18.11
CA GLU A 59 -4.22 6.47 17.86
C GLU A 59 -2.93 5.83 18.36
N ILE A 60 -2.98 5.19 19.53
CA ILE A 60 -1.80 4.52 20.07
C ILE A 60 -1.36 3.38 19.16
N LEU A 61 -2.31 2.60 18.65
CA LEU A 61 -1.97 1.49 17.74
C LEU A 61 -1.29 2.00 16.48
N MET A 62 -1.80 3.09 15.89
CA MET A 62 -1.18 3.66 14.70
C MET A 62 0.23 4.16 14.96
N ARG A 63 0.48 4.75 16.15
CA ARG A 63 1.83 5.17 16.50
C ARG A 63 2.78 3.99 16.56
N MET A 64 2.33 2.86 17.13
CA MET A 64 3.18 1.68 17.20
C MET A 64 3.57 1.18 15.81
N LEU A 65 2.59 1.12 14.90
CA LEU A 65 2.84 0.63 13.55
C LEU A 65 3.78 1.55 12.78
N LYS A 66 3.57 2.86 12.89
CA LYS A 66 4.48 3.80 12.24
C LYS A 66 5.89 3.70 12.80
N LEU A 67 6.01 3.45 14.11
CA LEU A 67 7.33 3.26 14.71
C LEU A 67 8.05 2.05 14.12
N ILE A 68 7.33 0.94 13.92
CA ILE A 68 7.99 -0.29 13.48
C ILE A 68 8.28 -0.32 11.98
N ILE A 69 7.68 0.58 11.20
CA ILE A 69 7.80 0.51 9.75
C ILE A 69 9.26 0.63 9.32
N LEU A 70 9.97 1.64 9.85
CA LEU A 70 11.27 2.00 9.29
C LEU A 70 12.28 0.86 9.41
N PRO A 71 12.57 0.31 10.59
CA PRO A 71 13.58 -0.75 10.66
C PRO A 71 13.21 -1.98 9.84
N LEU A 72 11.93 -2.35 9.83
CA LEU A 72 11.48 -3.51 9.06
C LEU A 72 11.78 -3.33 7.57
N ILE A 73 11.38 -2.20 7.01
CA ILE A 73 11.57 -1.96 5.57
C ILE A 73 13.06 -1.99 5.22
N ILE A 74 13.87 -1.25 5.96
CA ILE A 74 15.28 -1.13 5.62
C ILE A 74 15.99 -2.48 5.71
N SER A 75 15.83 -3.17 6.83
CA SER A 75 16.53 -4.43 7.04
C SER A 75 16.07 -5.51 6.09
N SER A 76 14.75 -5.62 5.87
CA SER A 76 14.23 -6.65 4.96
C SER A 76 14.71 -6.42 3.53
N MET A 77 14.73 -5.16 3.08
CA MET A 77 15.20 -4.85 1.73
C MET A 77 16.66 -5.24 1.55
N ILE A 78 17.52 -4.87 2.50
CA ILE A 78 18.94 -5.17 2.39
C ILE A 78 19.17 -6.68 2.38
N THR A 79 18.50 -7.39 3.29
CA THR A 79 18.68 -8.84 3.38
C THR A 79 18.21 -9.55 2.11
N GLY A 80 17.04 -9.16 1.59
CA GLY A 80 16.53 -9.79 0.39
C GLY A 80 17.41 -9.58 -0.83
N VAL A 81 17.94 -8.36 -0.99
CA VAL A 81 18.81 -8.09 -2.13
C VAL A 81 20.13 -8.83 -1.99
N ALA A 82 20.71 -8.84 -0.79
CA ALA A 82 22.02 -9.46 -0.60
C ALA A 82 21.97 -10.97 -0.67
N ALA A 83 20.80 -11.59 -0.43
CA ALA A 83 20.70 -13.03 -0.49
C ALA A 83 20.93 -13.55 -1.90
N LEU A 84 20.41 -12.84 -2.91
CA LEU A 84 20.50 -13.30 -4.28
C LEU A 84 21.93 -13.15 -4.81
N ASP A 85 22.31 -14.07 -5.68
CA ASP A 85 23.59 -13.95 -6.37
C ASP A 85 23.55 -12.80 -7.38
N SER A 86 24.72 -12.20 -7.62
CA SER A 86 24.79 -11.06 -8.52
C SER A 86 24.52 -11.43 -9.97
N ASN A 87 24.72 -12.71 -10.34
CA ASN A 87 24.48 -13.12 -11.73
C ASN A 87 23.01 -13.00 -12.10
N VAL A 88 22.12 -13.38 -11.19
CA VAL A 88 20.70 -13.51 -11.48
C VAL A 88 19.86 -12.43 -10.82
N SER A 89 20.49 -11.48 -10.13
CA SER A 89 19.72 -10.47 -9.40
C SER A 89 19.00 -9.53 -10.35
N GLY A 90 19.62 -9.18 -11.47
CA GLY A 90 19.02 -8.21 -12.38
C GLY A 90 17.75 -8.72 -13.04
N LYS A 91 17.76 -9.99 -13.47
CA LYS A 91 16.62 -10.54 -14.19
C LYS A 91 15.38 -10.60 -13.31
N ILE A 92 15.54 -11.02 -12.06
CA ILE A 92 14.40 -11.14 -11.15
C ILE A 92 13.80 -9.76 -10.88
N GLY A 93 14.65 -8.76 -10.64
CA GLY A 93 14.15 -7.41 -10.44
C GLY A 93 13.44 -6.85 -11.65
N LEU A 94 13.98 -7.12 -12.85
CA LEU A 94 13.34 -6.66 -14.07
C LEU A 94 11.96 -7.29 -14.25
N ARG A 95 11.83 -8.59 -14.00
CA ARG A 95 10.54 -9.25 -14.13
C ARG A 95 9.53 -8.69 -13.14
N ALA A 96 9.94 -8.45 -11.89
CA ALA A 96 9.04 -7.87 -10.90
C ALA A 96 8.59 -6.48 -11.32
N VAL A 97 9.51 -5.66 -11.82
CA VAL A 97 9.16 -4.30 -12.24
C VAL A 97 8.17 -4.34 -13.40
N VAL A 98 8.40 -5.22 -14.37
CA VAL A 98 7.50 -5.33 -15.52
C VAL A 98 6.10 -5.73 -15.07
N TYR A 99 6.01 -6.72 -14.18
CA TYR A 99 4.70 -7.17 -13.70
C TYR A 99 3.96 -6.04 -12.99
N TYR A 100 4.66 -5.31 -12.12
CA TYR A 100 4.02 -4.23 -11.37
C TYR A 100 3.52 -3.14 -12.31
N PHE A 101 4.33 -2.75 -13.29
CA PHE A 101 3.93 -1.71 -14.23
C PHE A 101 2.71 -2.14 -15.02
N ALA A 102 2.72 -3.38 -15.52
CA ALA A 102 1.60 -3.86 -16.33
C ALA A 102 0.30 -3.91 -15.53
N THR A 103 0.37 -4.40 -14.28
CA THR A 103 -0.83 -4.48 -13.45
C THR A 103 -1.38 -3.09 -13.12
N THR A 104 -0.49 -2.14 -12.83
CA THR A 104 -0.94 -0.77 -12.54
C THR A 104 -1.63 -0.16 -13.75
N LEU A 105 -1.08 -0.36 -14.95
CA LEU A 105 -1.69 0.20 -16.15
C LEU A 105 -3.07 -0.41 -16.40
N ILE A 106 -3.22 -1.72 -16.23
CA ILE A 106 -4.51 -2.36 -16.44
C ILE A 106 -5.54 -1.84 -15.45
N ALA A 107 -5.14 -1.68 -14.19
CA ALA A 107 -6.05 -1.16 -13.18
C ALA A 107 -6.51 0.25 -13.51
N VAL A 108 -5.58 1.11 -13.97
CA VAL A 108 -5.93 2.48 -14.32
C VAL A 108 -6.92 2.51 -15.47
N ILE A 109 -6.68 1.70 -16.50
CA ILE A 109 -7.59 1.66 -17.65
C ILE A 109 -8.97 1.20 -17.22
N LEU A 110 -9.04 0.15 -16.39
CA LEU A 110 -10.33 -0.34 -15.91
C LEU A 110 -11.10 0.73 -15.14
N GLY A 111 -10.40 1.44 -14.23
CA GLY A 111 -11.05 2.49 -13.48
C GLY A 111 -11.58 3.61 -14.35
N ILE A 112 -10.79 4.03 -15.34
CA ILE A 112 -11.22 5.10 -16.24
C ILE A 112 -12.45 4.67 -17.03
N VAL A 113 -12.44 3.46 -17.56
CA VAL A 113 -13.56 2.98 -18.36
C VAL A 113 -14.83 2.93 -17.51
N LEU A 114 -14.72 2.38 -16.30
CA LEU A 114 -15.90 2.26 -15.44
C LEU A 114 -16.45 3.62 -15.03
N VAL A 115 -15.57 4.55 -14.66
CA VAL A 115 -16.04 5.85 -14.20
C VAL A 115 -16.65 6.66 -15.34
N VAL A 116 -16.15 6.49 -16.56
CA VAL A 116 -16.74 7.18 -17.70
C VAL A 116 -18.10 6.58 -18.05
N SER A 117 -18.20 5.25 -18.00
CA SER A 117 -19.43 4.58 -18.41
C SER A 117 -20.55 4.81 -17.40
N ILE A 118 -20.24 4.66 -16.11
CA ILE A 118 -21.28 4.75 -15.08
C ILE A 118 -21.76 6.19 -14.94
N LYS A 119 -20.84 7.16 -15.03
CA LYS A 119 -21.12 8.58 -14.82
C LYS A 119 -21.68 8.81 -13.43
N PRO A 120 -20.89 8.64 -12.37
CA PRO A 120 -21.41 8.86 -11.01
C PRO A 120 -21.89 10.28 -10.78
N GLY A 121 -21.25 11.28 -11.39
CA GLY A 121 -21.63 12.66 -11.20
C GLY A 121 -21.83 13.42 -12.50
N SER A 139 2.89 23.66 -10.59
CA SER A 139 2.10 22.81 -11.48
C SER A 139 2.40 21.33 -11.22
N THR A 140 1.86 20.47 -12.09
CA THR A 140 2.12 19.04 -11.95
C THR A 140 3.55 18.68 -12.30
N VAL A 141 4.20 19.47 -13.16
CA VAL A 141 5.60 19.23 -13.50
C VAL A 141 6.48 19.33 -12.26
N ASP A 142 6.19 20.29 -11.38
CA ASP A 142 6.94 20.41 -10.13
C ASP A 142 6.77 19.17 -9.25
N ALA A 143 5.57 18.61 -9.22
CA ALA A 143 5.35 17.39 -8.44
C ALA A 143 6.15 16.21 -8.99
N MET A 144 6.19 16.07 -10.31
CA MET A 144 6.99 14.99 -10.91
C MET A 144 8.47 15.18 -10.64
N LEU A 145 8.96 16.43 -10.73
CA LEU A 145 10.36 16.70 -10.42
C LEU A 145 10.68 16.41 -8.97
N ASP A 146 9.75 16.75 -8.06
CA ASP A 146 9.93 16.41 -6.65
C ASP A 146 9.97 14.90 -6.45
N LEU A 147 9.16 14.16 -7.21
CA LEU A 147 9.18 12.71 -7.13
C LEU A 147 10.55 12.16 -7.50
N ILE A 148 11.16 12.69 -8.56
CA ILE A 148 12.50 12.25 -8.95
C ILE A 148 13.53 12.69 -7.90
N ARG A 149 13.33 13.88 -7.33
CA ARG A 149 14.27 14.38 -6.32
C ARG A 149 14.29 13.48 -5.09
N ASN A 150 13.12 13.02 -4.65
CA ASN A 150 13.04 12.18 -3.45
C ASN A 150 13.69 10.82 -3.62
N MET A 151 13.99 10.41 -4.86
CA MET A 151 14.74 9.17 -5.06
C MET A 151 16.20 9.30 -4.66
N PHE A 152 16.75 10.51 -4.66
CA PHE A 152 18.16 10.77 -4.33
C PHE A 152 18.20 11.86 -3.27
N PRO A 153 17.99 11.51 -1.99
CA PRO A 153 17.99 12.53 -0.95
C PRO A 153 19.38 13.10 -0.71
N GLU A 154 19.40 14.33 -0.21
CA GLU A 154 20.68 14.97 0.13
C GLU A 154 21.31 14.33 1.37
N ASN A 155 20.50 13.98 2.36
CA ASN A 155 20.98 13.44 3.62
C ASN A 155 20.20 12.19 3.98
N LEU A 156 20.93 11.17 4.44
CA LEU A 156 20.27 9.91 4.80
C LEU A 156 19.52 10.03 6.12
N VAL A 157 20.11 10.70 7.11
CA VAL A 157 19.45 10.86 8.40
C VAL A 157 18.17 11.67 8.26
N GLN A 158 18.22 12.75 7.47
CA GLN A 158 17.03 13.57 7.25
C GLN A 158 15.97 12.82 6.47
N ALA A 159 16.36 11.92 5.57
CA ALA A 159 15.42 11.18 4.75
C ALA A 159 14.57 10.20 5.55
N ALA A 160 14.94 9.91 6.81
CA ALA A 160 14.19 8.97 7.62
C ALA A 160 12.94 9.59 8.26
N PHE A 161 12.84 10.92 8.30
CA PHE A 161 11.65 11.54 8.87
C PHE A 161 11.19 12.79 8.13
N GLN A 162 11.77 13.13 6.98
CA GLN A 162 11.42 14.35 6.28
C GLN A 162 11.43 14.11 4.77
N GLN A 163 10.68 14.94 4.06
CA GLN A 163 10.56 14.87 2.61
C GLN A 163 10.88 16.24 2.02
N TYR A 164 10.98 16.29 0.70
CA TYR A 164 11.35 17.51 -0.03
C TYR A 164 10.21 17.92 -0.95
N LYS A 165 9.86 19.21 -0.92
CA LYS A 165 8.83 19.75 -1.79
C LYS A 165 9.26 21.12 -2.29
N THR A 166 8.77 21.48 -3.47
CA THR A 166 9.10 22.75 -4.12
C THR A 166 7.84 23.49 -4.49
N LYS A 167 7.88 24.81 -4.39
CA LYS A 167 6.77 25.67 -4.79
C LYS A 167 7.30 26.88 -5.53
N ARG A 168 6.48 27.41 -6.43
CA ARG A 168 6.87 28.58 -7.20
C ARG A 168 6.66 29.86 -6.38
N GLU A 169 7.30 30.94 -6.84
CA GLU A 169 7.22 32.22 -6.14
C GLU A 169 7.59 33.34 -7.11
N GLU A 170 6.92 34.47 -6.98
CA GLU A 170 7.20 35.64 -7.81
C GLU A 170 8.55 36.25 -7.46
N TYR A 202 9.23 34.15 -11.98
CA TYR A 202 8.90 32.91 -11.29
C TYR A 202 10.18 32.25 -10.80
N LYS A 203 10.28 32.04 -9.48
CA LYS A 203 11.44 31.43 -8.87
C LYS A 203 11.01 30.20 -8.07
N ILE A 204 11.81 29.14 -8.16
CA ILE A 204 11.53 27.90 -7.45
C ILE A 204 12.26 27.92 -6.12
N VAL A 205 11.55 27.62 -5.04
CA VAL A 205 12.11 27.56 -3.69
C VAL A 205 11.73 26.24 -3.06
N GLY A 206 12.71 25.55 -2.48
CA GLY A 206 12.50 24.26 -1.88
C GLY A 206 12.36 24.34 -0.36
N MET A 207 11.77 23.30 0.21
CA MET A 207 11.55 23.22 1.64
C MET A 207 11.49 21.76 2.07
N TYR A 208 11.78 21.52 3.34
CA TYR A 208 11.73 20.19 3.92
C TYR A 208 10.58 20.12 4.92
N SER A 209 9.72 19.13 4.74
CA SER A 209 8.52 18.96 5.56
C SER A 209 8.53 17.58 6.22
N ASP A 210 7.83 17.47 7.34
CA ASP A 210 7.78 16.23 8.09
C ASP A 210 7.08 15.14 7.28
N GLY A 211 7.47 13.89 7.53
CA GLY A 211 6.96 12.77 6.77
C GLY A 211 8.06 11.91 6.21
N ILE A 212 8.03 10.61 6.52
CA ILE A 212 9.14 9.73 6.17
C ILE A 212 9.25 9.61 4.65
N ASN A 213 10.48 9.56 4.16
CA ASN A 213 10.77 9.44 2.73
C ASN A 213 11.13 7.98 2.45
N VAL A 214 10.12 7.18 2.10
CA VAL A 214 10.36 5.76 1.88
C VAL A 214 10.93 5.50 0.49
N LEU A 215 10.75 6.42 -0.45
CA LEU A 215 11.25 6.21 -1.80
C LEU A 215 12.77 6.25 -1.86
N GLY A 216 13.38 7.25 -1.21
CA GLY A 216 14.83 7.34 -1.22
C GLY A 216 15.49 6.24 -0.43
N LEU A 217 14.91 5.86 0.71
CA LEU A 217 15.49 4.81 1.54
C LEU A 217 15.48 3.47 0.82
N ILE A 218 14.42 3.19 0.06
CA ILE A 218 14.34 1.94 -0.68
C ILE A 218 15.41 1.87 -1.76
N VAL A 219 15.63 2.98 -2.47
CA VAL A 219 16.66 3.02 -3.51
C VAL A 219 18.03 2.81 -2.91
N PHE A 220 18.32 3.50 -1.80
CA PHE A 220 19.61 3.34 -1.14
C PHE A 220 19.80 1.92 -0.62
N ALA A 221 18.73 1.34 -0.06
CA ALA A 221 18.81 -0.03 0.44
C ALA A 221 19.08 -1.02 -0.69
N LEU A 222 18.44 -0.84 -1.84
CA LEU A 222 18.70 -1.70 -2.99
C LEU A 222 20.17 -1.63 -3.40
N VAL A 223 20.70 -0.41 -3.54
CA VAL A 223 22.08 -0.24 -3.98
C VAL A 223 23.04 -0.79 -2.93
N PHE A 224 22.79 -0.51 -1.66
CA PHE A 224 23.66 -0.99 -0.59
C PHE A 224 23.65 -2.51 -0.51
N GLY A 225 22.47 -3.13 -0.65
CA GLY A 225 22.41 -4.58 -0.63
C GLY A 225 23.19 -5.22 -1.78
N LEU A 226 23.06 -4.65 -2.98
CA LEU A 226 23.83 -5.17 -4.12
C LEU A 226 25.33 -5.05 -3.87
N VAL A 227 25.78 -3.91 -3.33
CA VAL A 227 27.21 -3.68 -3.13
C VAL A 227 27.78 -4.66 -2.12
N ILE A 228 27.08 -4.85 -0.99
CA ILE A 228 27.59 -5.76 0.04
C ILE A 228 27.39 -7.22 -0.34
N GLY A 229 26.49 -7.53 -1.26
CA GLY A 229 26.38 -8.89 -1.77
C GLY A 229 27.39 -9.25 -2.84
N LYS A 230 27.91 -8.24 -3.56
CA LYS A 230 28.98 -8.46 -4.52
C LYS A 230 30.36 -8.50 -3.87
N MET A 231 30.51 -7.93 -2.68
CA MET A 231 31.84 -7.79 -2.10
C MET A 231 32.43 -9.14 -1.71
N GLY A 232 31.63 -10.03 -1.15
CA GLY A 232 32.09 -11.36 -0.81
C GLY A 232 32.31 -11.50 0.70
N GLU A 233 33.46 -12.07 1.07
CA GLU A 233 33.78 -12.30 2.47
C GLU A 233 33.97 -11.02 3.25
N LYS A 234 34.42 -9.95 2.58
CA LYS A 234 34.69 -8.70 3.28
C LYS A 234 33.44 -8.07 3.87
N GLY A 235 32.27 -8.40 3.33
CA GLY A 235 31.03 -7.80 3.80
C GLY A 235 30.05 -8.81 4.36
N GLN A 236 30.57 -9.87 4.99
CA GLN A 236 29.69 -10.85 5.62
C GLN A 236 29.18 -10.36 6.96
N ILE A 237 29.95 -9.53 7.67
CA ILE A 237 29.52 -9.06 8.99
C ILE A 237 28.33 -8.13 8.86
N LEU A 238 28.30 -7.29 7.81
CA LEU A 238 27.14 -6.43 7.57
C LEU A 238 25.91 -7.26 7.25
N VAL A 239 26.06 -8.32 6.46
CA VAL A 239 24.94 -9.19 6.13
C VAL A 239 24.37 -9.82 7.40
N ASP A 240 25.25 -10.32 8.28
CA ASP A 240 24.80 -10.92 9.53
C ASP A 240 24.10 -9.90 10.41
N PHE A 241 24.64 -8.68 10.50
CA PHE A 241 24.01 -7.63 11.30
C PHE A 241 22.58 -7.37 10.85
N PHE A 242 22.36 -7.23 9.53
CA PHE A 242 21.04 -6.87 9.03
C PHE A 242 20.07 -8.05 9.08
N ASN A 243 20.57 -9.28 8.94
CA ASN A 243 19.70 -10.44 9.12
C ASN A 243 19.16 -10.50 10.54
N ALA A 244 20.03 -10.31 11.54
CA ALA A 244 19.57 -10.32 12.93
C ALA A 244 18.60 -9.19 13.20
N LEU A 245 18.85 -8.00 12.64
CA LEU A 245 17.94 -6.88 12.81
C LEU A 245 16.57 -7.17 12.23
N SER A 246 16.51 -7.80 11.05
CA SER A 246 15.23 -8.13 10.44
C SER A 246 14.45 -9.12 11.29
N ASP A 247 15.12 -10.15 11.83
CA ASP A 247 14.44 -11.12 12.68
C ASP A 247 13.89 -10.46 13.93
N ALA A 248 14.68 -9.59 14.58
CA ALA A 248 14.20 -8.90 15.77
C ALA A 248 13.00 -8.03 15.48
N THR A 249 13.00 -7.32 14.34
CA THR A 249 11.88 -6.46 13.99
C THR A 249 10.61 -7.28 13.77
N MET A 250 10.71 -8.45 13.15
CA MET A 250 9.55 -9.31 12.94
C MET A 250 8.95 -9.77 14.27
N LYS A 251 9.81 -10.12 15.23
CA LYS A 251 9.32 -10.54 16.54
C LYS A 251 8.60 -9.40 17.26
N ILE A 252 9.11 -8.17 17.13
CA ILE A 252 8.45 -7.02 17.73
C ILE A 252 7.09 -6.78 17.09
N VAL A 253 7.00 -7.00 15.77
CA VAL A 253 5.73 -6.86 15.07
C VAL A 253 4.71 -7.84 15.63
N GLN A 254 5.13 -9.07 15.91
CA GLN A 254 4.23 -10.05 16.53
C GLN A 254 3.74 -9.57 17.88
N ILE A 255 4.64 -9.01 18.70
CA ILE A 255 4.25 -8.52 20.02
C ILE A 255 3.21 -7.42 19.91
N ILE A 256 3.33 -6.56 18.90
CA ILE A 256 2.34 -5.50 18.67
C ILE A 256 1.01 -6.10 18.22
N MET A 257 1.07 -7.10 17.34
CA MET A 257 -0.15 -7.76 16.87
C MET A 257 -0.93 -8.41 18.00
N TRP A 258 -0.27 -8.76 19.11
CA TRP A 258 -0.98 -9.26 20.29
C TRP A 258 -1.97 -8.24 20.82
N TYR A 259 -1.58 -6.96 20.85
CA TYR A 259 -2.43 -5.91 21.39
C TYR A 259 -3.43 -5.38 20.37
N MET A 260 -3.16 -5.57 19.07
CA MET A 260 -4.00 -5.06 17.98
C MET A 260 -5.51 -5.05 18.23
N PRO A 261 -6.14 -6.13 18.75
CA PRO A 261 -7.61 -6.16 18.75
C PRO A 261 -8.27 -4.98 19.43
N LEU A 262 -7.74 -4.52 20.56
CA LEU A 262 -8.34 -3.38 21.25
C LEU A 262 -8.25 -2.12 20.40
N GLY A 263 -7.10 -1.88 19.75
CA GLY A 263 -6.98 -0.75 18.85
C GLY A 263 -7.95 -0.82 17.69
N ILE A 264 -8.14 -2.01 17.13
CA ILE A 264 -9.09 -2.19 16.04
C ILE A 264 -10.51 -1.86 16.51
N LEU A 265 -10.89 -2.36 17.69
CA LEU A 265 -12.20 -2.07 18.25
C LEU A 265 -12.48 -0.58 18.32
N PHE A 266 -11.56 0.18 18.94
CA PHE A 266 -11.81 1.61 19.15
C PHE A 266 -11.68 2.40 17.85
N LEU A 267 -10.86 1.95 16.91
CA LEU A 267 -10.74 2.62 15.63
C LEU A 267 -12.04 2.56 14.84
N ILE A 268 -12.65 1.37 14.76
CA ILE A 268 -13.91 1.24 14.04
C ILE A 268 -15.00 2.04 14.74
N ALA A 269 -15.05 1.98 16.08
CA ALA A 269 -16.05 2.74 16.81
C ALA A 269 -15.93 4.24 16.54
N GLY A 270 -14.70 4.76 16.57
CA GLY A 270 -14.48 6.17 16.25
C GLY A 270 -14.81 6.52 14.81
N CYS A 271 -14.56 5.60 13.88
CA CYS A 271 -14.87 5.86 12.48
C CYS A 271 -16.36 6.08 12.27
N ILE A 272 -17.19 5.23 12.88
CA ILE A 272 -18.64 5.31 12.66
C ILE A 272 -19.21 6.57 13.30
N ILE A 273 -18.71 6.93 14.48
CA ILE A 273 -19.30 8.03 15.24
C ILE A 273 -19.12 9.36 14.52
N GLU A 274 -18.02 9.51 13.78
CA GLU A 274 -17.66 10.82 13.22
C GLU A 274 -18.74 11.33 12.28
N VAL A 275 -19.33 10.45 11.47
CA VAL A 275 -20.36 10.87 10.53
C VAL A 275 -21.58 11.36 11.31
N GLU A 276 -22.10 12.52 10.90
CA GLU A 276 -23.20 13.16 11.60
C GLU A 276 -24.48 13.20 10.78
N ASP A 277 -24.41 13.71 9.54
CA ASP A 277 -25.62 13.87 8.73
C ASP A 277 -26.25 12.52 8.39
N TRP A 278 -25.41 11.55 7.97
CA TRP A 278 -25.79 10.20 7.56
C TRP A 278 -26.56 10.18 6.25
N GLU A 279 -26.86 11.34 5.66
CA GLU A 279 -27.40 11.40 4.31
C GLU A 279 -26.32 11.58 3.26
N ILE A 280 -25.10 11.88 3.67
CA ILE A 280 -23.99 11.97 2.73
C ILE A 280 -23.70 10.61 2.10
N PHE A 281 -23.90 9.53 2.87
CA PHE A 281 -23.75 8.19 2.32
C PHE A 281 -24.77 7.93 1.21
N ARG A 282 -26.01 8.35 1.42
CA ARG A 282 -27.05 8.18 0.40
C ARG A 282 -26.75 9.01 -0.84
N LYS A 283 -26.27 10.24 -0.64
CA LYS A 283 -25.92 11.09 -1.79
C LYS A 283 -24.78 10.49 -2.59
N LEU A 284 -23.76 9.97 -1.91
CA LEU A 284 -22.59 9.40 -2.56
C LEU A 284 -22.73 7.90 -2.82
N GLY A 285 -23.96 7.40 -2.93
CA GLY A 285 -24.15 5.97 -3.15
C GLY A 285 -23.57 5.51 -4.47
N LEU A 286 -23.72 6.32 -5.53
CA LEU A 286 -23.19 5.96 -6.83
C LEU A 286 -21.66 5.95 -6.82
N TYR A 287 -21.06 6.84 -6.04
CA TYR A 287 -19.60 6.92 -5.96
C TYR A 287 -19.01 5.66 -5.35
N MET A 288 -19.67 5.10 -4.33
CA MET A 288 -19.22 3.85 -3.74
C MET A 288 -19.26 2.72 -4.77
N ALA A 289 -20.32 2.66 -5.57
CA ALA A 289 -20.50 1.53 -6.48
C ALA A 289 -19.39 1.44 -7.51
N THR A 290 -18.96 2.58 -8.05
CA THR A 290 -17.91 2.55 -9.07
C THR A 290 -16.60 2.01 -8.50
N VAL A 291 -16.18 2.54 -7.35
CA VAL A 291 -14.91 2.11 -6.76
C VAL A 291 -14.97 0.65 -6.35
N LEU A 292 -16.07 0.24 -5.71
CA LEU A 292 -16.19 -1.14 -5.24
C LEU A 292 -16.26 -2.12 -6.40
N THR A 293 -16.99 -1.78 -7.46
CA THR A 293 -17.06 -2.66 -8.63
C THR A 293 -15.70 -2.78 -9.30
N GLY A 294 -14.96 -1.68 -9.43
CA GLY A 294 -13.63 -1.76 -10.01
C GLY A 294 -12.69 -2.63 -9.20
N LEU A 295 -12.70 -2.45 -7.88
CA LEU A 295 -11.84 -3.26 -7.03
C LEU A 295 -12.21 -4.74 -7.09
N ALA A 296 -13.51 -5.04 -7.09
CA ALA A 296 -13.95 -6.43 -7.17
C ALA A 296 -13.58 -7.06 -8.50
N ILE A 297 -13.75 -6.35 -9.60
CA ILE A 297 -13.42 -6.90 -10.91
C ILE A 297 -11.91 -7.14 -11.03
N HIS A 298 -11.11 -6.21 -10.51
CA HIS A 298 -9.65 -6.40 -10.54
C HIS A 298 -9.22 -7.58 -9.68
N SER A 299 -9.85 -7.75 -8.51
CA SER A 299 -9.42 -8.80 -7.60
C SER A 299 -9.90 -10.19 -8.01
N ILE A 300 -11.06 -10.28 -8.67
CA ILE A 300 -11.69 -11.58 -8.89
C ILE A 300 -11.48 -12.06 -10.32
N VAL A 301 -11.35 -11.12 -11.26
CA VAL A 301 -11.27 -11.45 -12.68
C VAL A 301 -9.85 -11.27 -13.23
N ILE A 302 -9.32 -10.05 -13.13
CA ILE A 302 -8.09 -9.72 -13.87
C ILE A 302 -6.89 -10.44 -13.26
N LEU A 303 -6.71 -10.31 -11.94
CA LEU A 303 -5.53 -10.90 -11.30
C LEU A 303 -5.52 -12.42 -11.36
N PRO A 304 -6.61 -13.14 -11.04
CA PRO A 304 -6.57 -14.61 -11.23
C PRO A 304 -6.33 -15.04 -12.67
N LEU A 305 -6.86 -14.29 -13.64
CA LEU A 305 -6.63 -14.63 -15.04
C LEU A 305 -5.17 -14.47 -15.42
N ILE A 306 -4.52 -13.39 -14.96
CA ILE A 306 -3.10 -13.19 -15.24
C ILE A 306 -2.27 -14.31 -14.61
N TYR A 307 -2.60 -14.70 -13.38
CA TYR A 307 -1.89 -15.79 -12.73
C TYR A 307 -2.07 -17.11 -13.49
N PHE A 308 -3.29 -17.38 -13.94
CA PHE A 308 -3.55 -18.63 -14.65
C PHE A 308 -2.82 -18.67 -15.99
N ILE A 309 -2.72 -17.53 -16.67
CA ILE A 309 -2.07 -17.49 -17.97
C ILE A 309 -0.60 -17.87 -17.84
N VAL A 310 0.08 -17.32 -16.84
CA VAL A 310 1.51 -17.61 -16.65
C VAL A 310 1.70 -18.95 -15.96
N VAL A 311 1.04 -19.15 -14.82
CA VAL A 311 1.15 -20.38 -14.05
C VAL A 311 -0.12 -21.20 -14.26
N ARG A 312 0.05 -22.42 -14.79
CA ARG A 312 -1.08 -23.28 -15.10
C ARG A 312 -1.54 -24.04 -13.86
N LYS A 313 -1.99 -23.27 -12.87
CA LYS A 313 -2.49 -23.81 -11.60
C LYS A 313 -3.81 -23.12 -11.27
N ASN A 314 -4.38 -23.49 -10.13
CA ASN A 314 -5.66 -22.92 -9.72
C ASN A 314 -5.43 -21.57 -9.05
N PRO A 315 -5.91 -20.47 -9.62
CA PRO A 315 -5.65 -19.15 -9.00
C PRO A 315 -6.31 -18.98 -7.64
N PHE A 316 -7.43 -19.65 -7.39
CA PHE A 316 -8.15 -19.46 -6.14
C PHE A 316 -7.58 -20.27 -5.00
N ARG A 317 -6.80 -21.32 -5.28
CA ARG A 317 -6.08 -22.01 -4.22
C ARG A 317 -5.00 -21.12 -3.62
N PHE A 318 -4.34 -20.32 -4.45
CA PHE A 318 -3.36 -19.36 -3.95
C PHE A 318 -4.01 -18.35 -3.01
N ALA A 319 -5.19 -17.84 -3.39
CA ALA A 319 -5.91 -16.90 -2.53
C ALA A 319 -6.37 -17.57 -1.23
N MET A 320 -6.79 -18.84 -1.32
CA MET A 320 -7.17 -19.56 -0.11
C MET A 320 -5.99 -19.71 0.85
N GLY A 321 -4.80 -20.00 0.31
CA GLY A 321 -3.62 -20.07 1.15
C GLY A 321 -3.24 -18.73 1.75
N MET A 322 -3.46 -17.64 1.01
CA MET A 322 -3.12 -16.31 1.46
C MET A 322 -4.24 -15.64 2.24
N ALA A 323 -5.36 -16.34 2.44
CA ALA A 323 -6.53 -15.75 3.10
C ALA A 323 -6.18 -15.15 4.46
N GLN A 324 -5.24 -15.77 5.18
CA GLN A 324 -4.85 -15.24 6.49
C GLN A 324 -4.29 -13.83 6.36
N ALA A 325 -3.31 -13.63 5.48
CA ALA A 325 -2.74 -12.30 5.28
C ALA A 325 -3.74 -11.34 4.66
N LEU A 326 -4.65 -11.84 3.80
CA LEU A 326 -5.66 -10.98 3.20
C LEU A 326 -6.58 -10.39 4.26
N LEU A 327 -7.08 -11.23 5.17
CA LEU A 327 -7.96 -10.72 6.21
C LEU A 327 -7.20 -9.85 7.21
N THR A 328 -5.94 -10.19 7.48
CA THR A 328 -5.10 -9.34 8.31
C THR A 328 -4.92 -7.97 7.68
N ALA A 329 -4.62 -7.93 6.37
CA ALA A 329 -4.45 -6.65 5.69
C ALA A 329 -5.74 -5.84 5.67
N LEU A 330 -6.89 -6.50 5.61
CA LEU A 330 -8.15 -5.81 5.80
C LEU A 330 -8.25 -5.16 7.18
N MET A 331 -7.76 -5.86 8.21
CA MET A 331 -7.84 -5.33 9.58
C MET A 331 -7.03 -4.06 9.74
N ILE A 332 -5.70 -4.15 9.60
CA ILE A 332 -4.87 -2.97 9.81
C ILE A 332 -5.05 -1.94 8.70
N SER A 333 -5.20 -2.41 7.46
CA SER A 333 -5.15 -1.56 6.26
C SER A 333 -3.76 -0.93 6.12
N SER A 334 -2.73 -1.75 6.32
CA SER A 334 -1.34 -1.35 6.07
C SER A 334 -0.63 -2.50 5.40
N SER A 335 -0.07 -2.23 4.20
CA SER A 335 0.61 -3.28 3.46
C SER A 335 1.97 -3.62 4.08
N SER A 336 2.67 -2.62 4.62
CA SER A 336 3.96 -2.88 5.25
C SER A 336 3.81 -3.77 6.49
N ALA A 337 2.81 -3.49 7.32
CA ALA A 337 2.64 -4.22 8.57
C ALA A 337 2.17 -5.66 8.37
N THR A 338 1.78 -6.03 7.15
CA THR A 338 1.35 -7.40 6.86
C THR A 338 2.50 -8.24 6.31
N LEU A 339 3.73 -7.70 6.31
CA LEU A 339 4.86 -8.43 5.73
C LEU A 339 5.15 -9.76 6.41
N PRO A 340 5.17 -9.86 7.74
CA PRO A 340 5.45 -11.18 8.35
C PRO A 340 4.39 -12.22 8.03
N VAL A 341 3.11 -11.86 8.13
CA VAL A 341 2.04 -12.80 7.80
C VAL A 341 2.12 -13.21 6.34
N THR A 342 2.41 -12.25 5.46
CA THR A 342 2.54 -12.56 4.04
C THR A 342 3.72 -13.50 3.78
N PHE A 343 4.85 -13.28 4.44
CA PHE A 343 5.99 -14.17 4.31
C PHE A 343 5.63 -15.60 4.71
N ARG A 344 4.99 -15.76 5.87
CA ARG A 344 4.62 -17.09 6.34
C ARG A 344 3.64 -17.77 5.39
N CYS A 345 2.62 -17.03 4.95
CA CYS A 345 1.60 -17.64 4.09
C CYS A 345 2.16 -18.04 2.73
N ALA A 346 3.05 -17.23 2.17
CA ALA A 346 3.62 -17.55 0.86
C ALA A 346 4.59 -18.72 0.95
N GLU A 347 5.46 -18.73 1.97
CA GLU A 347 6.49 -19.74 2.04
C GLU A 347 5.95 -21.09 2.50
N GLU A 348 5.03 -21.10 3.46
CA GLU A 348 4.57 -22.34 4.06
C GLU A 348 3.35 -22.92 3.34
N ASN A 349 2.29 -22.13 3.18
CA ASN A 349 1.06 -22.65 2.60
C ASN A 349 1.20 -22.90 1.11
N ASN A 350 1.79 -21.95 0.39
CA ASN A 350 1.88 -22.02 -1.06
C ASN A 350 3.19 -22.60 -1.57
N GLN A 351 4.11 -22.96 -0.67
CA GLN A 351 5.36 -23.62 -1.02
C GLN A 351 6.15 -22.82 -2.06
N VAL A 352 6.21 -21.52 -1.87
CA VAL A 352 6.97 -20.63 -2.75
C VAL A 352 8.37 -20.47 -2.18
N ASP A 353 9.35 -20.29 -3.07
CA ASP A 353 10.74 -20.19 -2.66
C ASP A 353 10.96 -18.95 -1.79
N LYS A 354 11.81 -19.11 -0.77
CA LYS A 354 12.07 -18.01 0.15
C LYS A 354 12.91 -16.92 -0.51
N ARG A 355 13.84 -17.31 -1.39
CA ARG A 355 14.72 -16.33 -2.01
C ARG A 355 13.94 -15.33 -2.86
N ILE A 356 12.95 -15.82 -3.61
CA ILE A 356 12.13 -14.93 -4.43
C ILE A 356 11.22 -14.09 -3.54
N THR A 357 10.63 -14.70 -2.51
CA THR A 357 9.63 -14.02 -1.70
C THR A 357 10.24 -12.87 -0.91
N ARG A 358 11.34 -13.13 -0.19
CA ARG A 358 11.95 -12.12 0.66
C ARG A 358 12.41 -10.89 -0.11
N PHE A 359 12.63 -11.00 -1.41
CA PHE A 359 13.03 -9.87 -2.23
C PHE A 359 11.88 -9.20 -2.97
N VAL A 360 10.92 -9.98 -3.47
CA VAL A 360 9.84 -9.40 -4.26
C VAL A 360 8.85 -8.66 -3.38
N LEU A 361 8.49 -9.24 -2.22
CA LEU A 361 7.40 -8.69 -1.42
C LEU A 361 7.67 -7.28 -0.91
N PRO A 362 8.83 -6.96 -0.32
CA PRO A 362 9.04 -5.57 0.12
C PRO A 362 8.99 -4.56 -1.02
N VAL A 363 9.54 -4.91 -2.18
CA VAL A 363 9.51 -4.02 -3.33
C VAL A 363 8.08 -3.77 -3.77
N GLY A 364 7.25 -4.82 -3.81
CA GLY A 364 5.86 -4.65 -4.17
C GLY A 364 5.08 -3.81 -3.18
N ALA A 365 5.38 -3.95 -1.89
CA ALA A 365 4.69 -3.15 -0.88
C ALA A 365 4.99 -1.66 -1.07
N THR A 366 6.24 -1.32 -1.40
CA THR A 366 6.60 0.08 -1.60
C THR A 366 6.13 0.61 -2.95
N ILE A 367 6.01 -0.25 -3.96
CA ILE A 367 5.86 0.17 -5.36
C ILE A 367 4.48 -0.16 -5.89
N ASN A 368 4.00 -1.38 -5.66
CA ASN A 368 2.80 -1.87 -6.33
C ASN A 368 1.57 -1.35 -5.61
N MET A 369 0.80 -0.48 -6.28
CA MET A 369 -0.45 0.07 -5.69
C MET A 369 -1.55 0.10 -6.76
N ASP A 370 -2.22 -1.04 -7.00
CA ASP A 370 -3.28 -1.13 -8.00
C ASP A 370 -4.57 -0.50 -7.50
N GLY A 371 -4.99 -0.87 -6.29
CA GLY A 371 -6.21 -0.31 -5.74
C GLY A 371 -6.13 1.19 -5.53
N THR A 372 -4.96 1.67 -5.10
CA THR A 372 -4.77 3.10 -4.91
C THR A 372 -4.91 3.85 -6.24
N ALA A 373 -4.29 3.34 -7.31
CA ALA A 373 -4.40 4.01 -8.60
C ALA A 373 -5.83 4.04 -9.09
N LEU A 374 -6.53 2.90 -8.96
CA LEU A 374 -7.93 2.84 -9.36
C LEU A 374 -8.77 3.81 -8.54
N TYR A 375 -8.59 3.79 -7.21
CA TYR A 375 -9.32 4.69 -6.32
C TYR A 375 -9.15 6.15 -6.72
N GLU A 376 -7.89 6.60 -6.82
CA GLU A 376 -7.63 8.00 -7.13
C GLU A 376 -8.25 8.40 -8.47
N ALA A 377 -7.98 7.63 -9.52
CA ALA A 377 -8.47 7.97 -10.86
C ALA A 377 -9.98 8.16 -10.87
N VAL A 378 -10.70 7.25 -10.21
CA VAL A 378 -12.16 7.35 -10.17
C VAL A 378 -12.57 8.61 -9.43
N ALA A 379 -11.91 8.90 -8.30
CA ALA A 379 -12.26 10.08 -7.51
C ALA A 379 -12.00 11.36 -8.27
N ALA A 380 -10.88 11.44 -9.00
CA ALA A 380 -10.57 12.64 -9.77
C ALA A 380 -11.61 12.87 -10.87
N VAL A 381 -11.97 11.82 -11.60
CA VAL A 381 -12.97 11.97 -12.65
C VAL A 381 -14.32 12.32 -12.06
N PHE A 382 -14.66 11.75 -10.90
CA PHE A 382 -15.92 12.07 -10.25
C PHE A 382 -15.96 13.53 -9.82
N ILE A 383 -14.86 14.04 -9.25
CA ILE A 383 -14.81 15.43 -8.84
C ILE A 383 -14.92 16.36 -10.05
N ALA A 384 -14.26 15.99 -11.15
CA ALA A 384 -14.38 16.78 -12.38
C ALA A 384 -15.82 16.78 -12.89
N GLN A 385 -16.52 15.65 -12.77
CA GLN A 385 -17.91 15.61 -13.20
C GLN A 385 -18.82 16.41 -12.26
N LEU A 386 -18.44 16.54 -10.99
CA LEU A 386 -19.24 17.34 -10.06
C LEU A 386 -19.24 18.82 -10.45
N ASN A 387 -18.12 19.31 -10.95
CA ASN A 387 -17.97 20.71 -11.34
C ASN A 387 -18.45 20.98 -12.76
N ASP A 388 -18.95 19.97 -13.47
CA ASP A 388 -19.42 20.07 -14.85
C ASP A 388 -18.30 20.46 -15.81
N LEU A 389 -17.04 20.28 -15.41
CA LEU A 389 -15.93 20.57 -16.30
C LEU A 389 -15.82 19.50 -17.37
N ASP A 390 -15.63 19.93 -18.61
CA ASP A 390 -15.49 19.00 -19.72
C ASP A 390 -14.17 18.24 -19.62
N LEU A 391 -14.20 16.97 -20.04
CA LEU A 391 -13.02 16.12 -20.07
C LEU A 391 -12.88 15.53 -21.47
N GLY A 392 -11.87 15.97 -22.20
CA GLY A 392 -11.63 15.52 -23.56
C GLY A 392 -10.81 14.25 -23.60
N ILE A 393 -10.44 13.86 -24.83
CA ILE A 393 -9.60 12.68 -25.02
C ILE A 393 -8.25 12.87 -24.36
N GLY A 394 -7.66 14.06 -24.52
CA GLY A 394 -6.40 14.35 -23.85
C GLY A 394 -6.53 14.41 -22.34
N GLN A 395 -7.67 14.87 -21.84
CA GLN A 395 -7.88 14.92 -20.40
C GLN A 395 -7.95 13.51 -19.80
N ILE A 396 -8.53 12.57 -20.54
CA ILE A 396 -8.58 11.18 -20.07
C ILE A 396 -7.18 10.61 -19.95
N ILE A 397 -6.32 10.88 -20.93
CA ILE A 397 -4.97 10.31 -20.92
C ILE A 397 -4.15 10.92 -19.79
N THR A 398 -4.20 12.24 -19.62
CA THR A 398 -3.38 12.88 -18.59
C THR A 398 -3.82 12.51 -17.19
N ILE A 399 -5.10 12.20 -16.99
CA ILE A 399 -5.53 11.65 -15.71
C ILE A 399 -5.00 10.24 -15.51
N SER A 400 -5.02 9.44 -16.58
CA SER A 400 -4.51 8.07 -16.49
C SER A 400 -3.02 8.06 -16.20
N ILE A 401 -2.25 8.91 -16.88
CA ILE A 401 -0.80 8.90 -16.72
C ILE A 401 -0.41 9.44 -15.35
N THR A 402 -1.06 10.53 -14.92
CA THR A 402 -0.73 11.10 -13.61
C THR A 402 -1.11 10.18 -12.46
N ALA A 403 -2.20 9.41 -12.61
CA ALA A 403 -2.61 8.51 -11.55
C ALA A 403 -1.58 7.42 -11.30
N THR A 404 -0.99 6.89 -12.37
CA THR A 404 0.03 5.86 -12.21
C THR A 404 1.26 6.38 -11.50
N SER A 405 1.72 7.58 -11.85
CA SER A 405 2.98 8.12 -11.36
C SER A 405 2.78 9.12 -10.22
N ALA A 406 1.56 9.24 -9.68
CA ALA A 406 1.30 10.25 -8.66
C ALA A 406 2.14 10.01 -7.41
N SER A 407 1.94 8.86 -6.76
CA SER A 407 2.67 8.50 -5.55
C SER A 407 3.32 7.14 -5.78
N ILE A 408 4.58 7.15 -6.20
CA ILE A 408 5.29 5.90 -6.48
C ILE A 408 5.48 5.08 -5.20
N GLY A 409 5.96 5.72 -4.15
CA GLY A 409 6.14 5.02 -2.88
C GLY A 409 5.45 5.71 -1.72
N ALA A 410 4.41 5.06 -1.18
CA ALA A 410 3.70 5.56 0.00
C ALA A 410 3.34 4.43 0.93
N ALA A 411 4.28 3.49 1.14
CA ALA A 411 4.06 2.34 2.00
C ALA A 411 4.37 2.61 3.47
N GLY A 412 5.44 3.37 3.71
CA GLY A 412 5.82 3.71 5.10
C GLY A 412 4.91 4.79 5.69
N VAL A 413 3.89 5.19 4.93
CA VAL A 413 2.93 6.24 5.42
C VAL A 413 1.55 5.61 5.58
N PRO A 414 1.17 5.12 6.79
CA PRO A 414 -0.10 4.43 6.98
C PRO A 414 -1.25 5.34 7.47
N GLN A 415 -1.60 6.36 6.68
CA GLN A 415 -2.72 7.22 7.02
C GLN A 415 -3.15 7.87 5.70
N ALA A 416 -4.37 8.35 5.73
CA ALA A 416 -5.06 8.96 4.60
C ALA A 416 -4.32 10.15 4.01
N GLY A 417 -3.86 9.97 2.78
CA GLY A 417 -3.12 11.01 2.11
C GLY A 417 -3.86 11.66 0.95
N LEU A 418 -4.13 12.96 1.07
CA LEU A 418 -4.82 13.69 0.02
C LEU A 418 -3.84 14.30 -0.97
N VAL A 419 -2.53 14.20 -0.71
CA VAL A 419 -1.61 14.80 -1.66
C VAL A 419 -1.65 14.07 -2.99
N THR A 420 -1.78 12.74 -2.95
CA THR A 420 -1.85 11.96 -4.19
C THR A 420 -3.02 12.40 -5.06
N MET A 421 -4.17 12.68 -4.45
CA MET A 421 -5.29 13.22 -5.20
C MET A 421 -5.00 14.63 -5.70
N VAL A 422 -4.27 15.43 -4.90
CA VAL A 422 -4.04 16.83 -5.25
C VAL A 422 -3.19 16.96 -6.51
N ILE A 423 -2.22 16.05 -6.67
CA ILE A 423 -1.36 16.06 -7.90
C ILE A 423 -2.27 15.90 -9.12
N VAL A 424 -3.14 14.89 -9.12
CA VAL A 424 -4.01 14.64 -10.28
C VAL A 424 -4.98 15.80 -10.48
N LEU A 425 -5.48 16.37 -9.38
CA LEU A 425 -6.39 17.51 -9.47
C LEU A 425 -5.71 18.72 -10.11
N SER A 426 -4.46 18.99 -9.72
CA SER A 426 -3.71 20.10 -10.31
C SER A 426 -3.42 19.83 -11.78
N ALA A 427 -3.07 18.59 -12.13
CA ALA A 427 -2.80 18.26 -13.52
C ALA A 427 -4.04 18.46 -14.40
N VAL A 428 -5.21 18.10 -13.88
CA VAL A 428 -6.45 18.31 -14.64
C VAL A 428 -6.99 19.72 -14.47
N GLY A 429 -6.41 20.52 -13.58
CA GLY A 429 -6.83 21.91 -13.42
C GLY A 429 -8.13 22.06 -12.68
N LEU A 430 -8.16 21.69 -11.40
CA LEU A 430 -9.31 21.85 -10.55
C LEU A 430 -8.87 22.26 -9.15
N PRO A 431 -9.71 22.99 -8.41
CA PRO A 431 -9.34 23.38 -7.05
C PRO A 431 -9.14 22.17 -6.15
N ALA A 432 -8.22 22.32 -5.20
CA ALA A 432 -7.87 21.24 -4.27
C ALA A 432 -8.78 21.20 -3.05
N GLU A 433 -9.78 22.08 -2.96
CA GLU A 433 -10.70 22.10 -1.83
C GLU A 433 -11.88 21.16 -2.00
N ASP A 434 -11.94 20.43 -3.11
CA ASP A 434 -13.01 19.46 -3.34
C ASP A 434 -12.78 18.13 -2.64
N VAL A 435 -11.62 17.95 -2.00
CA VAL A 435 -11.33 16.68 -1.34
C VAL A 435 -12.28 16.45 -0.16
N THR A 436 -12.65 17.51 0.55
CA THR A 436 -13.52 17.37 1.71
C THR A 436 -14.89 16.82 1.36
N LEU A 437 -15.32 16.93 0.11
CA LEU A 437 -16.62 16.40 -0.28
C LEU A 437 -16.68 14.89 -0.12
N ILE A 438 -15.61 14.19 -0.51
CA ILE A 438 -15.58 12.73 -0.48
C ILE A 438 -14.61 12.19 0.55
N ILE A 439 -14.03 13.06 1.39
CA ILE A 439 -13.16 12.61 2.46
C ILE A 439 -13.89 11.78 3.51
N ALA A 440 -15.22 11.72 3.44
CA ALA A 440 -15.98 11.01 4.46
C ALA A 440 -15.79 9.51 4.37
N VAL A 441 -15.76 8.96 3.15
CA VAL A 441 -15.84 7.52 2.94
C VAL A 441 -14.47 6.88 2.79
N ASP A 442 -13.39 7.65 2.97
CA ASP A 442 -12.05 7.08 2.84
C ASP A 442 -11.82 6.01 3.90
N CYS A 443 -12.34 6.23 5.11
CA CYS A 443 -12.12 5.28 6.21
C CYS A 443 -12.68 3.89 5.90
N LEU A 444 -13.73 3.81 5.08
CA LEU A 444 -14.26 2.51 4.69
C LEU A 444 -13.55 1.95 3.45
N LEU A 445 -13.25 2.80 2.48
CA LEU A 445 -12.71 2.32 1.20
C LEU A 445 -11.24 1.94 1.31
N ASP A 446 -10.50 2.55 2.26
CA ASP A 446 -9.07 2.35 2.33
C ASP A 446 -8.73 0.90 2.66
N ARG A 447 -9.54 0.26 3.53
CA ARG A 447 -9.26 -1.12 3.90
C ARG A 447 -9.36 -2.05 2.70
N PHE A 448 -10.40 -1.88 1.88
CA PHE A 448 -10.54 -2.68 0.67
C PHE A 448 -9.40 -2.40 -0.31
N ARG A 449 -9.01 -1.13 -0.44
CA ARG A 449 -7.90 -0.77 -1.32
C ARG A 449 -6.62 -1.48 -0.88
N THR A 450 -6.32 -1.46 0.42
CA THR A 450 -5.10 -2.09 0.91
C THR A 450 -5.15 -3.61 0.73
N MET A 451 -6.32 -4.21 0.91
CA MET A 451 -6.48 -5.64 0.66
C MET A 451 -6.17 -5.98 -0.78
N VAL A 452 -6.65 -5.16 -1.72
CA VAL A 452 -6.37 -5.40 -3.14
C VAL A 452 -4.87 -5.28 -3.41
N ASN A 453 -4.21 -4.29 -2.81
CA ASN A 453 -2.77 -4.13 -2.98
C ASN A 453 -2.02 -5.36 -2.49
N VAL A 454 -2.39 -5.87 -1.30
CA VAL A 454 -1.71 -7.03 -0.74
C VAL A 454 -1.96 -8.26 -1.61
N LEU A 455 -3.18 -8.41 -2.12
CA LEU A 455 -3.49 -9.54 -2.99
C LEU A 455 -2.66 -9.49 -4.27
N GLY A 456 -2.48 -8.30 -4.85
CA GLY A 456 -1.64 -8.17 -6.03
C GLY A 456 -0.20 -8.55 -5.76
N ASP A 457 0.33 -8.12 -4.62
CA ASP A 457 1.70 -8.49 -4.24
C ASP A 457 1.84 -10.01 -4.09
N ALA A 458 0.86 -10.65 -3.44
CA ALA A 458 0.92 -12.09 -3.23
C ALA A 458 0.89 -12.85 -4.54
N PHE A 459 0.04 -12.42 -5.48
CA PHE A 459 0.00 -13.05 -6.80
C PHE A 459 1.30 -12.85 -7.55
N GLY A 460 1.89 -11.64 -7.45
CA GLY A 460 3.14 -11.37 -8.14
C GLY A 460 4.30 -12.23 -7.66
N THR A 461 4.32 -12.56 -6.36
CA THR A 461 5.36 -13.43 -5.82
C THR A 461 5.40 -14.77 -6.56
N GLY A 462 4.25 -15.43 -6.67
CA GLY A 462 4.22 -16.72 -7.36
C GLY A 462 4.51 -16.59 -8.85
N ILE A 463 3.99 -15.54 -9.49
CA ILE A 463 4.21 -15.34 -10.92
C ILE A 463 5.70 -15.16 -11.22
N VAL A 464 6.39 -14.35 -10.42
CA VAL A 464 7.82 -14.14 -10.62
C VAL A 464 8.60 -15.42 -10.31
N GLU A 465 8.17 -16.16 -9.28
CA GLU A 465 8.86 -17.40 -8.94
C GLU A 465 8.79 -18.41 -10.08
N LYS A 466 7.63 -18.53 -10.73
CA LYS A 466 7.50 -19.49 -11.83
C LYS A 466 8.42 -19.12 -13.00
N LEU A 467 8.51 -17.83 -13.31
CA LEU A 467 9.26 -17.40 -14.49
C LEU A 467 10.77 -17.51 -14.31
N SER A 468 11.25 -17.77 -13.11
CA SER A 468 12.67 -17.77 -12.81
C SER A 468 13.16 -19.15 -12.41
N LYS A 469 12.72 -20.18 -13.14
CA LYS A 469 13.10 -21.54 -12.81
C LYS A 469 14.57 -21.78 -13.07
N LYS A 470 15.07 -21.35 -14.22
CA LYS A 470 16.47 -21.58 -14.58
C LYS A 470 17.40 -20.83 -13.63
N GLU A 471 17.04 -19.60 -13.26
CA GLU A 471 17.87 -18.83 -12.36
C GLU A 471 17.94 -19.47 -10.98
N LEU A 472 16.82 -20.00 -10.48
CA LEU A 472 16.81 -20.64 -9.18
C LEU A 472 17.57 -21.96 -9.19
N GLU A 473 17.52 -22.70 -10.31
CA GLU A 473 18.30 -23.93 -10.43
C GLU A 473 19.79 -23.63 -10.44
N GLN A 474 20.21 -22.56 -11.13
CA GLN A 474 21.61 -22.17 -11.14
C GLN A 474 22.09 -21.77 -9.74
N MET A 475 21.19 -21.24 -8.91
CA MET A 475 21.55 -20.84 -7.56
C MET A 475 21.62 -22.01 -6.59
N ASP A 476 21.21 -23.21 -7.01
CA ASP A 476 21.25 -24.37 -6.14
C ASP A 476 22.56 -25.14 -6.21
N VAL A 477 23.32 -25.00 -7.30
CA VAL A 477 24.60 -25.68 -7.40
C VAL A 477 25.71 -24.93 -6.66
N SER A 478 25.57 -23.62 -6.47
CA SER A 478 26.54 -22.85 -5.72
C SER A 478 26.34 -22.94 -4.21
N SER A 479 25.18 -23.42 -3.76
CA SER A 479 24.90 -23.51 -2.33
C SER A 479 25.64 -24.69 -1.69
NA NA B . 1.25 -2.88 -2.18
NA NA C . 0.58 -2.87 -10.57
#